data_4R77
#
_entry.id   4R77
#
_cell.length_a   69.347
_cell.length_b   96.466
_cell.length_c   97.590
_cell.angle_alpha   90.00
_cell.angle_beta   90.00
_cell.angle_gamma   90.00
#
_symmetry.space_group_name_H-M   'P 21 21 21'
#
loop_
_entity.id
_entity.type
_entity.pdbx_description
1 polymer 'Choline kinase'
2 water water
#
_entity_poly.entity_id   1
_entity_poly.type   'polypeptide(L)'
_entity_poly.pdbx_seq_one_letter_code
;MGSSHHHHHHSSGLVPRGSHMEKIIKEKISSLLSQEEEVLSVEQLGGMTNQNYLAKTTNKQYIVKFFGKGTEKLINRQDE
KYNLELLKDLGLDVKNYLFDIEAGIKVNEYIESAITLDSTSIKTKFDKIAPILQTIHTSAKELRGEFAPFEEIKKYESLI
EEQIPYANYESVRNAVFSLEKRLADLGVDRKSCHIDLVPENFIESPQGRLYLIDWEYSSMNDPMWDLAALFLESEFTSQE
EETFLSHYESDQTPVSHEKIAIYKILQDTIWSLWTVYKEEQGEDFGDYGVNRYQRAVKGLASYGGSDEK
;
_entity_poly.pdbx_strand_id   B,A
#
# COMPACT_ATOMS: atom_id res chain seq x y z
N SER A 19 24.97 17.93 -42.74
CA SER A 19 25.36 19.19 -43.44
C SER A 19 25.40 20.38 -42.48
N HIS A 20 24.39 21.26 -42.58
CA HIS A 20 24.32 22.46 -41.73
C HIS A 20 24.17 22.13 -40.24
N MET A 21 23.62 20.96 -39.96
CA MET A 21 23.44 20.49 -38.59
C MET A 21 24.78 20.29 -37.87
N GLU A 22 25.68 19.55 -38.53
CA GLU A 22 27.05 19.34 -38.06
C GLU A 22 27.77 20.66 -37.75
N LYS A 23 27.44 21.68 -38.54
CA LYS A 23 28.17 22.94 -38.54
C LYS A 23 27.73 23.91 -37.44
N ILE A 24 26.50 23.75 -36.93
CA ILE A 24 26.03 24.50 -35.77
C ILE A 24 26.62 23.90 -34.48
N ILE A 25 26.67 22.57 -34.44
CA ILE A 25 27.13 21.82 -33.27
C ILE A 25 28.57 22.17 -32.91
N LYS A 26 29.47 22.11 -33.90
CA LYS A 26 30.88 22.46 -33.71
C LYS A 26 31.06 23.90 -33.24
N GLU A 27 30.26 24.81 -33.79
CA GLU A 27 30.31 26.23 -33.44
C GLU A 27 29.53 26.54 -32.16
N LYS A 28 29.19 25.49 -31.40
CA LYS A 28 28.52 25.63 -30.11
C LYS A 28 29.28 24.91 -28.99
N ILE A 29 29.71 23.68 -29.26
CA ILE A 29 30.44 22.87 -28.29
C ILE A 29 31.96 23.14 -28.31
N SER A 30 32.37 24.09 -29.15
CA SER A 30 33.77 24.49 -29.29
C SER A 30 34.36 25.01 -27.98
N SER A 31 33.55 25.71 -27.19
CA SER A 31 34.00 26.28 -25.92
C SER A 31 34.10 25.24 -24.80
N LEU A 32 34.18 23.96 -25.18
CA LEU A 32 34.37 22.86 -24.23
C LEU A 32 35.69 22.14 -24.48
N LEU A 33 36.20 22.24 -25.70
CA LEU A 33 37.50 21.67 -26.07
C LEU A 33 38.63 22.65 -25.79
N VAL A 39 36.93 16.53 -33.60
CA VAL A 39 35.49 16.38 -33.82
C VAL A 39 35.25 15.50 -35.06
N LEU A 40 35.24 14.19 -34.84
CA LEU A 40 35.16 13.20 -35.92
C LEU A 40 33.84 13.22 -36.69
N SER A 41 32.72 12.97 -36.00
CA SER A 41 31.40 12.89 -36.66
C SER A 41 30.20 13.28 -35.77
N VAL A 42 29.03 13.37 -36.41
CA VAL A 42 27.76 13.70 -35.74
C VAL A 42 26.66 12.74 -36.21
N GLU A 43 25.89 12.22 -35.25
CA GLU A 43 24.84 11.24 -35.55
C GLU A 43 23.49 11.63 -34.93
N GLN A 44 22.42 11.46 -35.70
CA GLN A 44 21.06 11.78 -35.26
C GLN A 44 20.44 10.60 -34.53
N LEU A 45 20.06 10.81 -33.28
CA LEU A 45 19.51 9.74 -32.44
C LEU A 45 17.98 9.65 -32.55
N GLY A 46 17.46 8.43 -32.46
CA GLY A 46 16.02 8.18 -32.54
C GLY A 46 15.27 8.47 -31.25
N GLY A 47 14.04 7.98 -31.15
CA GLY A 47 13.22 8.13 -29.93
C GLY A 47 12.03 9.06 -30.09
N MET A 48 11.68 9.75 -28.99
CA MET A 48 10.52 10.63 -28.95
C MET A 48 10.83 12.05 -29.42
N THR A 49 12.00 12.20 -30.05
CA THR A 49 12.44 13.47 -30.62
C THR A 49 13.42 13.19 -31.76
N ASN A 50 13.53 14.14 -32.70
CA ASN A 50 14.56 14.10 -33.74
C ASN A 50 15.60 15.21 -33.53
N GLN A 51 15.61 15.77 -32.33
CA GLN A 51 16.42 16.95 -32.01
C GLN A 51 17.63 16.64 -31.10
N ASN A 52 17.96 15.36 -30.98
CA ASN A 52 19.13 14.94 -30.20
C ASN A 52 20.24 14.38 -31.08
N TYR A 53 21.48 14.81 -30.79
CA TYR A 53 22.63 14.46 -31.63
C TYR A 53 23.87 14.01 -30.86
N LEU A 54 24.54 13.00 -31.39
CA LEU A 54 25.76 12.46 -30.78
C LEU A 54 27.00 13.03 -31.46
N ALA A 55 27.75 13.84 -30.71
CA ALA A 55 28.96 14.47 -31.22
C ALA A 55 30.21 13.68 -30.80
N LYS A 56 30.84 13.01 -31.77
CA LYS A 56 32.08 12.27 -31.52
C LYS A 56 33.29 13.22 -31.55
N THR A 57 33.93 13.37 -30.41
CA THR A 57 35.07 14.28 -30.24
C THR A 57 36.34 13.50 -29.87
N THR A 58 37.50 14.08 -30.23
CA THR A 58 38.81 13.48 -30.00
C THR A 58 38.92 12.74 -28.66
N ASN A 59 38.68 13.45 -27.56
CA ASN A 59 38.79 12.89 -26.21
C ASN A 59 37.48 12.36 -25.63
N LYS A 60 36.37 13.00 -25.97
CA LYS A 60 35.10 12.77 -25.30
C LYS A 60 33.93 12.60 -26.26
N GLN A 61 32.85 11.98 -25.78
CA GLN A 61 31.61 11.87 -26.53
C GLN A 61 30.59 12.81 -25.93
N TYR A 62 29.77 13.43 -26.77
CA TYR A 62 28.80 14.43 -26.31
C TYR A 62 27.39 14.18 -26.84
N ILE A 63 26.40 14.42 -25.99
CA ILE A 63 25.01 14.47 -26.41
C ILE A 63 24.62 15.92 -26.58
N VAL A 64 24.18 16.25 -27.79
CA VAL A 64 23.77 17.61 -28.13
C VAL A 64 22.24 17.61 -28.26
N LYS A 65 21.60 18.40 -27.41
CA LYS A 65 20.15 18.45 -27.34
C LYS A 65 19.62 19.82 -27.75
N PHE A 66 18.79 19.83 -28.79
CA PHE A 66 18.17 21.06 -29.27
C PHE A 66 16.70 21.15 -28.89
N PHE A 67 16.30 22.34 -28.46
CA PHE A 67 14.92 22.66 -28.16
C PHE A 67 14.58 24.06 -28.66
N GLY A 68 13.29 24.39 -28.69
CA GLY A 68 12.84 25.71 -29.11
C GLY A 68 11.35 25.88 -28.91
N LYS A 69 10.68 26.42 -29.93
CA LYS A 69 9.25 26.74 -29.87
C LYS A 69 8.37 25.51 -29.63
N GLY A 70 8.70 24.39 -30.25
CA GLY A 70 7.92 23.16 -30.15
C GLY A 70 7.75 22.56 -28.76
N THR A 71 8.63 22.94 -27.83
CA THR A 71 8.59 22.41 -26.45
C THR A 71 8.43 23.46 -25.35
N GLU A 72 8.65 24.74 -25.64
CA GLU A 72 8.24 25.79 -24.71
C GLU A 72 6.71 25.79 -24.65
N LYS A 73 6.15 26.21 -23.52
CA LYS A 73 4.72 25.97 -23.21
C LYS A 73 4.43 24.54 -22.76
N LEU A 74 5.47 23.69 -22.78
CA LEU A 74 5.37 22.33 -22.25
C LEU A 74 6.45 22.27 -21.17
N ILE A 75 7.67 22.64 -21.54
CA ILE A 75 8.77 22.64 -20.59
C ILE A 75 9.26 24.06 -20.35
N ASN A 76 9.25 24.46 -19.08
CA ASN A 76 9.89 25.69 -18.64
C ASN A 76 11.40 25.45 -18.54
N ARG A 77 12.15 25.87 -19.55
CA ARG A 77 13.58 25.57 -19.63
C ARG A 77 14.41 26.21 -18.51
N GLN A 78 13.95 27.35 -17.98
CA GLN A 78 14.59 28.01 -16.84
C GLN A 78 14.42 27.19 -15.56
N ASP A 79 13.23 26.61 -15.39
CA ASP A 79 12.96 25.75 -14.25
C ASP A 79 13.75 24.45 -14.34
N GLU A 80 13.90 23.94 -15.56
CA GLU A 80 14.66 22.73 -15.81
C GLU A 80 16.14 22.92 -15.43
N LYS A 81 16.69 24.09 -15.74
CA LYS A 81 18.07 24.44 -15.44
C LYS A 81 18.27 24.55 -13.93
N TYR A 82 17.32 25.19 -13.25
CA TYR A 82 17.34 25.28 -11.79
C TYR A 82 17.26 23.88 -11.16
N ASN A 83 16.34 23.06 -11.68
CA ASN A 83 16.17 21.69 -11.20
C ASN A 83 17.40 20.83 -11.42
N LEU A 84 18.05 20.96 -12.58
CA LEU A 84 19.33 20.30 -12.84
C LEU A 84 20.36 20.63 -11.77
N GLU A 85 20.45 21.91 -11.43
CA GLU A 85 21.38 22.40 -10.43
C GLU A 85 21.05 21.84 -9.05
N LEU A 86 19.76 21.89 -8.69
CA LEU A 86 19.30 21.41 -7.39
C LEU A 86 19.48 19.90 -7.21
N LEU A 87 19.37 19.15 -8.30
CA LEU A 87 19.46 17.70 -8.26
C LEU A 87 20.88 17.15 -8.39
N LYS A 88 21.85 18.04 -8.61
CA LYS A 88 23.23 17.60 -8.84
C LYS A 88 23.81 16.75 -7.72
N ASP A 89 23.57 17.15 -6.47
CA ASP A 89 24.17 16.43 -5.34
C ASP A 89 23.62 15.01 -5.16
N LEU A 90 22.48 14.70 -5.79
CA LEU A 90 22.00 13.32 -5.80
C LEU A 90 22.93 12.40 -6.58
N GLY A 91 23.61 12.95 -7.58
CA GLY A 91 24.52 12.18 -8.43
C GLY A 91 23.86 11.12 -9.29
N LEU A 92 22.61 11.36 -9.69
CA LEU A 92 21.84 10.38 -10.48
C LEU A 92 21.96 10.54 -11.99
N ASP A 93 22.02 11.78 -12.45
CA ASP A 93 22.08 12.13 -13.86
C ASP A 93 23.53 12.09 -14.36
N VAL A 94 23.71 12.12 -15.68
CA VAL A 94 25.01 12.35 -16.30
C VAL A 94 25.42 13.81 -16.16
N LYS A 95 26.70 14.07 -16.40
CA LYS A 95 27.25 15.42 -16.33
C LYS A 95 26.60 16.35 -17.37
N ASN A 96 26.13 17.51 -16.92
CA ASN A 96 25.78 18.56 -17.86
C ASN A 96 26.91 19.56 -17.92
N TYR A 97 27.34 19.85 -19.14
CA TYR A 97 28.41 20.80 -19.38
C TYR A 97 27.84 22.18 -19.66
N LEU A 98 26.85 22.23 -20.55
CA LEU A 98 26.32 23.47 -21.08
C LEU A 98 24.78 23.47 -21.16
N PHE A 99 24.18 24.50 -20.56
CA PHE A 99 22.74 24.73 -20.61
C PHE A 99 22.50 26.17 -21.05
N ASP A 100 22.35 26.38 -22.35
CA ASP A 100 22.17 27.72 -22.93
C ASP A 100 20.73 27.93 -23.43
N ILE A 101 19.90 28.52 -22.58
CA ILE A 101 18.48 28.78 -22.88
C ILE A 101 18.35 29.72 -24.09
N GLU A 102 19.03 30.85 -23.98
CA GLU A 102 19.12 31.85 -25.06
C GLU A 102 19.33 31.23 -26.44
N ALA A 103 20.12 30.15 -26.51
CA ALA A 103 20.46 29.53 -27.78
C ALA A 103 19.73 28.23 -28.12
N GLY A 104 18.87 27.75 -27.21
CA GLY A 104 18.09 26.52 -27.44
C GLY A 104 18.93 25.25 -27.53
N ILE A 105 19.94 25.15 -26.67
CA ILE A 105 20.94 24.09 -26.76
C ILE A 105 21.36 23.55 -25.38
N LYS A 106 21.36 22.23 -25.24
CA LYS A 106 21.86 21.57 -24.04
C LYS A 106 22.95 20.57 -24.42
N VAL A 107 24.05 20.59 -23.68
CA VAL A 107 25.14 19.64 -23.94
C VAL A 107 25.49 18.78 -22.73
N ASN A 108 25.37 17.46 -22.92
CA ASN A 108 25.69 16.49 -21.88
C ASN A 108 26.83 15.56 -22.27
N GLU A 109 27.47 15.03 -21.25
CA GLU A 109 28.30 13.84 -21.35
C GLU A 109 27.48 12.69 -21.94
N TYR A 110 28.06 11.98 -22.90
CA TYR A 110 27.49 10.73 -23.42
C TYR A 110 28.31 9.57 -22.87
N ILE A 111 27.62 8.53 -22.39
CA ILE A 111 28.29 7.40 -21.74
C ILE A 111 28.66 6.33 -22.76
N GLU A 112 29.93 6.27 -23.13
CA GLU A 112 30.40 5.33 -24.13
C GLU A 112 30.30 3.90 -23.64
N SER A 113 29.94 3.01 -24.54
CA SER A 113 29.87 1.58 -24.24
C SER A 113 28.99 1.31 -23.03
N ALA A 114 27.95 2.14 -22.88
CA ALA A 114 26.95 1.92 -21.85
C ALA A 114 25.91 0.95 -22.38
N ILE A 115 25.15 0.35 -21.45
CA ILE A 115 24.00 -0.41 -21.85
C ILE A 115 22.78 0.45 -21.55
N THR A 116 22.04 0.77 -22.60
CA THR A 116 20.75 1.46 -22.46
C THR A 116 19.71 0.40 -22.14
N LEU A 117 19.06 0.55 -20.99
CA LEU A 117 18.08 -0.45 -20.58
C LEU A 117 16.85 -0.43 -21.50
N ASP A 118 16.20 -1.58 -21.62
CA ASP A 118 14.95 -1.67 -22.38
C ASP A 118 13.94 -2.39 -21.53
N SER A 119 12.75 -2.61 -22.07
CA SER A 119 11.67 -3.22 -21.31
C SER A 119 12.02 -4.64 -20.84
N THR A 120 12.99 -5.27 -21.50
CA THR A 120 13.46 -6.59 -21.06
C THR A 120 14.55 -6.50 -20.00
N SER A 121 15.64 -5.80 -20.31
CA SER A 121 16.78 -5.78 -19.38
C SER A 121 16.49 -5.04 -18.07
N ILE A 122 15.54 -4.10 -18.09
CA ILE A 122 15.17 -3.36 -16.86
C ILE A 122 14.74 -4.30 -15.72
N LYS A 123 14.19 -5.45 -16.10
CA LYS A 123 13.63 -6.37 -15.14
C LYS A 123 14.68 -7.19 -14.39
N THR A 124 15.92 -7.09 -14.83
CA THR A 124 17.05 -7.71 -14.15
C THR A 124 17.80 -6.71 -13.24
N LYS A 125 17.31 -5.47 -13.18
CA LYS A 125 18.02 -4.37 -12.51
C LYS A 125 17.27 -3.76 -11.34
N PHE A 126 16.35 -4.50 -10.74
CA PHE A 126 15.53 -3.98 -9.64
C PHE A 126 16.36 -3.51 -8.46
N ASP A 127 17.39 -4.30 -8.10
CA ASP A 127 18.23 -3.95 -6.95
C ASP A 127 19.03 -2.68 -7.16
N LYS A 128 19.13 -2.24 -8.42
CA LYS A 128 19.77 -0.99 -8.77
C LYS A 128 18.76 0.14 -8.99
N ILE A 129 17.62 -0.18 -9.61
CA ILE A 129 16.65 0.86 -9.89
C ILE A 129 15.90 1.33 -8.64
N ALA A 130 15.55 0.39 -7.76
CA ALA A 130 14.76 0.76 -6.59
C ALA A 130 15.46 1.78 -5.68
N PRO A 131 16.76 1.60 -5.36
CA PRO A 131 17.36 2.67 -4.53
C PRO A 131 17.51 4.03 -5.23
N ILE A 132 17.67 4.03 -6.55
CA ILE A 132 17.64 5.29 -7.32
C ILE A 132 16.30 6.02 -7.10
N LEU A 133 15.20 5.28 -7.25
CA LEU A 133 13.88 5.87 -7.05
C LEU A 133 13.66 6.30 -5.60
N GLN A 134 14.11 5.48 -4.66
CA GLN A 134 14.05 5.87 -3.25
C GLN A 134 14.83 7.14 -3.00
N THR A 135 15.97 7.28 -3.68
CA THR A 135 16.86 8.42 -3.46
C THR A 135 16.20 9.70 -3.92
N ILE A 136 15.57 9.66 -5.10
CA ILE A 136 14.86 10.84 -5.62
C ILE A 136 13.62 11.16 -4.80
N HIS A 137 12.80 10.14 -4.48
CA HIS A 137 11.56 10.36 -3.75
C HIS A 137 11.70 10.85 -2.32
N THR A 138 12.80 10.48 -1.66
CA THR A 138 13.05 10.89 -0.28
C THR A 138 14.07 12.02 -0.19
N SER A 139 14.39 12.66 -1.32
CA SER A 139 15.42 13.69 -1.38
C SER A 139 15.08 14.93 -0.55
N ALA A 140 13.79 15.10 -0.23
CA ALA A 140 13.25 16.33 0.40
C ALA A 140 13.45 17.59 -0.44
N LYS A 141 13.87 17.43 -1.70
CA LYS A 141 14.13 18.56 -2.57
C LYS A 141 12.82 19.17 -3.12
N GLU A 142 12.77 20.50 -3.11
CA GLU A 142 11.63 21.23 -3.66
C GLU A 142 11.94 21.69 -5.07
N LEU A 143 11.55 20.87 -6.06
CA LEU A 143 11.73 21.23 -7.46
C LEU A 143 10.77 22.35 -7.85
N ARG A 144 11.17 23.14 -8.85
CA ARG A 144 10.28 24.09 -9.49
C ARG A 144 9.40 23.30 -10.43
N GLY A 145 8.08 23.50 -10.32
CA GLY A 145 7.12 22.77 -11.17
C GLY A 145 6.30 21.82 -10.34
N GLU A 146 4.99 21.98 -10.39
CA GLU A 146 4.09 21.05 -9.74
C GLU A 146 3.44 20.28 -10.87
N PHE A 147 3.37 18.96 -10.73
CA PHE A 147 2.67 18.16 -11.74
C PHE A 147 1.27 17.84 -11.20
N ALA A 148 0.28 18.61 -11.67
CA ALA A 148 -1.10 18.36 -11.30
C ALA A 148 -1.78 17.73 -12.51
N PRO A 149 -1.97 16.39 -12.49
CA PRO A 149 -2.34 15.69 -13.73
C PRO A 149 -3.63 16.19 -14.40
N PHE A 150 -4.66 16.52 -13.62
CA PHE A 150 -5.91 17.03 -14.20
C PHE A 150 -5.75 18.43 -14.80
N GLU A 151 -4.92 19.25 -14.15
CA GLU A 151 -4.55 20.53 -14.74
C GLU A 151 -3.69 20.34 -16.00
N GLU A 152 -2.86 19.31 -16.02
CA GLU A 152 -2.06 19.00 -17.21
C GLU A 152 -2.95 18.57 -18.36
N ILE A 153 -4.01 17.80 -18.07
CA ILE A 153 -4.96 17.45 -19.14
C ILE A 153 -5.64 18.72 -19.70
N LYS A 154 -6.13 19.59 -18.82
CA LYS A 154 -6.75 20.86 -19.24
C LYS A 154 -5.79 21.70 -20.09
N LYS A 155 -4.50 21.67 -19.74
CA LYS A 155 -3.47 22.39 -20.46
C LYS A 155 -3.29 21.91 -21.91
N TYR A 156 -3.14 20.61 -22.11
CA TYR A 156 -3.06 20.07 -23.49
C TYR A 156 -4.30 20.39 -24.32
N GLU A 157 -5.48 20.24 -23.73
CA GLU A 157 -6.74 20.56 -24.41
C GLU A 157 -6.78 22.00 -24.92
N SER A 158 -6.16 22.90 -24.14
CA SER A 158 -6.04 24.30 -24.51
C SER A 158 -4.99 24.50 -25.62
N LEU A 159 -3.88 23.79 -25.53
CA LEU A 159 -2.78 23.91 -26.48
C LEU A 159 -3.10 23.31 -27.85
N ILE A 160 -3.86 22.21 -27.84
CA ILE A 160 -4.28 21.57 -29.08
C ILE A 160 -5.25 22.49 -29.82
N GLU A 161 -4.94 22.77 -31.08
CA GLU A 161 -5.74 23.73 -31.86
C GLU A 161 -6.79 23.08 -32.76
N GLU A 162 -6.47 21.96 -33.39
CA GLU A 162 -7.52 21.20 -34.06
C GLU A 162 -8.26 20.40 -33.00
N GLN A 163 -9.26 19.64 -33.40
CA GLN A 163 -9.96 18.79 -32.45
C GLN A 163 -9.06 17.63 -31.99
N ILE A 164 -9.28 17.17 -30.76
CA ILE A 164 -8.69 15.91 -30.30
C ILE A 164 -9.33 14.78 -31.11
N PRO A 165 -8.51 13.92 -31.77
CA PRO A 165 -9.04 12.92 -32.71
C PRO A 165 -9.54 11.63 -32.06
N TYR A 166 -9.27 11.48 -30.77
CA TYR A 166 -9.58 10.26 -30.05
C TYR A 166 -11.09 10.06 -29.92
N ALA A 167 -11.53 8.86 -30.26
CA ALA A 167 -12.95 8.55 -30.28
C ALA A 167 -13.60 8.57 -28.91
N ASN A 168 -14.80 9.14 -28.86
CA ASN A 168 -15.60 9.19 -27.64
C ASN A 168 -14.84 9.94 -26.51
N TYR A 169 -14.07 10.96 -26.90
CA TYR A 169 -13.19 11.64 -25.94
C TYR A 169 -13.94 12.24 -24.76
N GLU A 170 -15.08 12.89 -25.01
CA GLU A 170 -15.80 13.56 -23.92
C GLU A 170 -16.13 12.58 -22.82
N SER A 171 -16.65 11.41 -23.19
CA SER A 171 -17.11 10.45 -22.21
C SER A 171 -15.92 9.79 -21.49
N VAL A 172 -14.86 9.49 -22.23
CA VAL A 172 -13.61 8.96 -21.66
C VAL A 172 -12.99 9.99 -20.71
N ARG A 173 -12.92 11.25 -21.14
CA ARG A 173 -12.36 12.31 -20.30
C ARG A 173 -13.16 12.48 -19.00
N ASN A 174 -14.49 12.41 -19.09
CA ASN A 174 -15.34 12.45 -17.90
C ASN A 174 -15.00 11.34 -16.91
N ALA A 175 -14.83 10.12 -17.43
CA ALA A 175 -14.42 8.98 -16.62
C ALA A 175 -13.05 9.23 -15.97
N VAL A 176 -12.09 9.74 -16.73
CA VAL A 176 -10.76 10.03 -16.19
C VAL A 176 -10.86 11.05 -15.06
N PHE A 177 -11.62 12.12 -15.27
CA PHE A 177 -11.79 13.17 -14.26
C PHE A 177 -12.50 12.72 -12.99
N SER A 178 -13.22 11.60 -13.07
CA SER A 178 -13.83 11.02 -11.87
C SER A 178 -12.78 10.50 -10.89
N LEU A 179 -11.57 10.24 -11.40
CA LEU A 179 -10.48 9.77 -10.57
C LEU A 179 -9.90 10.87 -9.68
N GLU A 180 -10.16 12.14 -9.98
CA GLU A 180 -9.63 13.24 -9.17
C GLU A 180 -10.09 13.13 -7.72
N LYS A 181 -11.37 12.87 -7.52
CA LYS A 181 -11.94 12.74 -6.19
C LYS A 181 -11.39 11.49 -5.50
N ARG A 182 -11.32 10.37 -6.23
CA ARG A 182 -10.74 9.14 -5.70
C ARG A 182 -9.31 9.36 -5.22
N LEU A 183 -8.49 10.01 -6.04
CA LEU A 183 -7.13 10.33 -5.62
C LEU A 183 -7.09 11.18 -4.36
N ALA A 184 -8.01 12.15 -4.29
CA ALA A 184 -8.09 13.03 -3.12
C ALA A 184 -8.52 12.22 -1.89
N ASP A 185 -9.38 11.23 -2.07
CA ASP A 185 -9.79 10.37 -0.96
C ASP A 185 -8.65 9.47 -0.48
N LEU A 186 -7.84 9.00 -1.43
CA LEU A 186 -6.67 8.17 -1.12
C LEU A 186 -5.51 8.95 -0.51
N GLY A 187 -5.45 10.24 -0.80
CA GLY A 187 -4.33 11.08 -0.38
C GLY A 187 -3.29 11.17 -1.49
N VAL A 188 -2.88 12.39 -1.79
CA VAL A 188 -1.88 12.61 -2.81
C VAL A 188 -0.66 13.16 -2.09
N ASP A 189 0.49 12.54 -2.33
CA ASP A 189 1.73 13.02 -1.76
C ASP A 189 2.41 13.95 -2.75
N ARG A 190 3.31 14.78 -2.24
CA ARG A 190 3.99 15.77 -3.04
C ARG A 190 5.50 15.63 -2.86
N LYS A 191 6.17 15.00 -3.82
CA LYS A 191 7.62 14.78 -3.74
C LYS A 191 8.29 15.03 -5.06
N SER A 192 9.60 15.26 -5.02
CA SER A 192 10.44 15.35 -6.22
C SER A 192 10.32 14.04 -7.00
N CYS A 193 9.92 14.12 -8.26
CA CYS A 193 9.70 12.94 -9.12
C CYS A 193 10.38 13.14 -10.45
N HIS A 194 10.73 12.05 -11.13
CA HIS A 194 11.40 12.14 -12.41
C HIS A 194 10.36 12.42 -13.50
N ILE A 195 9.20 11.77 -13.35
CA ILE A 195 8.01 11.95 -14.21
C ILE A 195 7.93 11.21 -15.55
N ASP A 196 8.99 10.47 -15.91
CA ASP A 196 9.16 9.94 -17.26
C ASP A 196 10.10 8.74 -17.25
N LEU A 197 9.63 7.66 -16.63
CA LEU A 197 10.51 6.51 -16.40
C LEU A 197 10.45 5.42 -17.48
N VAL A 198 10.62 5.84 -18.73
CA VAL A 198 10.88 4.93 -19.84
C VAL A 198 12.18 4.17 -19.54
N PRO A 199 12.28 2.89 -19.95
CA PRO A 199 13.47 2.12 -19.57
C PRO A 199 14.76 2.70 -20.15
N GLU A 200 14.66 3.31 -21.33
CA GLU A 200 15.79 3.89 -22.01
C GLU A 200 16.37 5.11 -21.29
N ASN A 201 15.69 5.58 -20.26
CA ASN A 201 16.24 6.64 -19.40
C ASN A 201 17.18 6.11 -18.32
N PHE A 202 17.30 4.78 -18.25
CA PHE A 202 18.27 4.15 -17.37
C PHE A 202 19.47 3.68 -18.20
N ILE A 203 20.65 4.11 -17.78
CA ILE A 203 21.90 3.84 -18.51
C ILE A 203 22.88 3.08 -17.59
N GLU A 204 23.37 1.92 -18.04
CA GLU A 204 24.35 1.19 -17.26
C GLU A 204 25.77 1.42 -17.78
N SER A 205 26.60 2.09 -16.99
CA SER A 205 28.00 2.31 -17.31
C SER A 205 28.78 0.99 -17.31
N PRO A 206 29.79 0.87 -18.18
CA PRO A 206 30.69 -0.26 -18.02
C PRO A 206 31.36 -0.28 -16.63
N GLN A 207 31.44 0.87 -15.97
CA GLN A 207 31.96 0.94 -14.60
C GLN A 207 31.02 0.20 -13.61
N GLY A 208 29.76 0.03 -13.99
CA GLY A 208 28.79 -0.72 -13.20
C GLY A 208 27.64 0.12 -12.66
N ARG A 209 27.85 1.41 -12.47
CA ARG A 209 26.80 2.27 -11.94
C ARG A 209 25.66 2.48 -12.95
N LEU A 210 24.48 2.76 -12.43
CA LEU A 210 23.36 3.12 -13.26
C LEU A 210 23.18 4.64 -13.24
N TYR A 211 22.92 5.24 -14.40
CA TYR A 211 22.50 6.64 -14.45
C TYR A 211 21.00 6.68 -14.78
N LEU A 212 20.32 7.67 -14.21
CA LEU A 212 18.94 7.98 -14.58
C LEU A 212 18.99 9.35 -15.23
N ILE A 213 18.65 9.38 -16.52
CA ILE A 213 18.87 10.58 -17.33
C ILE A 213 17.55 11.23 -17.75
N ASP A 214 17.66 12.37 -18.45
CA ASP A 214 16.53 13.04 -19.12
C ASP A 214 15.45 13.52 -18.16
N TRP A 215 15.82 14.51 -17.37
CA TRP A 215 14.99 15.02 -16.28
C TRP A 215 14.15 16.23 -16.72
N GLU A 216 13.97 16.37 -18.02
CA GLU A 216 13.24 17.51 -18.61
C GLU A 216 11.83 17.70 -18.02
N TYR A 217 11.14 16.60 -17.70
CA TYR A 217 9.78 16.66 -17.18
C TYR A 217 9.68 16.65 -15.66
N SER A 218 10.83 16.51 -14.99
CA SER A 218 10.81 16.31 -13.55
C SER A 218 10.17 17.50 -12.84
N SER A 219 9.41 17.18 -11.80
CA SER A 219 8.58 18.13 -11.07
C SER A 219 8.04 17.45 -9.82
N MET A 220 7.32 18.22 -9.01
CA MET A 220 6.72 17.69 -7.80
C MET A 220 5.46 16.87 -8.13
N ASN A 221 5.35 15.69 -7.54
CA ASN A 221 4.24 14.78 -7.83
C ASN A 221 4.16 13.69 -6.77
N ASP A 222 3.13 12.86 -6.83
CA ASP A 222 3.11 11.67 -6.01
C ASP A 222 4.10 10.65 -6.58
N PRO A 223 4.97 10.07 -5.71
CA PRO A 223 5.91 9.03 -6.16
C PRO A 223 5.24 7.85 -6.87
N MET A 224 3.96 7.59 -6.60
CA MET A 224 3.27 6.49 -7.29
C MET A 224 3.15 6.75 -8.78
N TRP A 225 3.22 8.01 -9.17
CA TRP A 225 3.28 8.36 -10.60
C TRP A 225 4.53 7.76 -11.25
N ASP A 226 5.69 7.97 -10.60
CA ASP A 226 6.94 7.40 -11.08
C ASP A 226 6.88 5.88 -11.15
N LEU A 227 6.32 5.25 -10.12
CA LEU A 227 6.23 3.78 -10.12
C LEU A 227 5.30 3.32 -11.25
N ALA A 228 4.17 4.01 -11.39
CA ALA A 228 3.25 3.71 -12.48
C ALA A 228 3.92 3.85 -13.84
N ALA A 229 4.72 4.92 -14.02
CA ALA A 229 5.44 5.12 -15.28
C ALA A 229 6.45 4.00 -15.54
N LEU A 230 7.19 3.61 -14.50
CA LEU A 230 8.18 2.53 -14.62
C LEU A 230 7.48 1.26 -15.07
N PHE A 231 6.38 0.94 -14.40
CA PHE A 231 5.64 -0.30 -14.65
C PHE A 231 4.98 -0.32 -16.01
N LEU A 232 4.45 0.84 -16.40
CA LEU A 232 3.71 0.96 -17.64
C LEU A 232 4.59 1.00 -18.88
N GLU A 233 5.65 1.82 -18.82
CA GLU A 233 6.54 1.96 -19.96
C GLU A 233 7.30 0.67 -20.28
N SER A 234 7.51 -0.19 -19.28
CA SER A 234 8.21 -1.45 -19.51
C SER A 234 7.30 -2.67 -19.50
N GLU A 235 6.00 -2.45 -19.48
CA GLU A 235 5.00 -3.50 -19.36
C GLU A 235 5.33 -4.58 -18.33
N PHE A 236 5.54 -4.17 -17.08
CA PHE A 236 5.75 -5.11 -15.99
C PHE A 236 4.52 -6.02 -15.86
N THR A 237 4.75 -7.30 -15.58
CA THR A 237 3.66 -8.18 -15.18
C THR A 237 3.35 -7.89 -13.72
N SER A 238 2.18 -8.33 -13.24
CA SER A 238 1.81 -8.23 -11.82
C SER A 238 2.87 -8.73 -10.87
N GLN A 239 3.45 -9.88 -11.20
CA GLN A 239 4.52 -10.46 -10.38
C GLN A 239 5.75 -9.58 -10.37
N GLU A 240 6.12 -9.05 -11.54
CA GLU A 240 7.27 -8.16 -11.64
C GLU A 240 7.04 -6.89 -10.83
N GLU A 241 5.81 -6.39 -10.86
CA GLU A 241 5.46 -5.22 -10.09
C GLU A 241 5.62 -5.54 -8.61
N GLU A 242 5.11 -6.69 -8.20
CA GLU A 242 5.21 -7.11 -6.81
C GLU A 242 6.66 -7.23 -6.38
N THR A 243 7.49 -7.82 -7.23
CA THR A 243 8.88 -8.01 -6.88
C THR A 243 9.56 -6.65 -6.77
N PHE A 244 9.31 -5.77 -7.76
CA PHE A 244 9.91 -4.46 -7.69
C PHE A 244 9.50 -3.71 -6.42
N LEU A 245 8.21 -3.73 -6.09
CA LEU A 245 7.70 -3.07 -4.89
C LEU A 245 8.35 -3.59 -3.61
N SER A 246 8.68 -4.88 -3.55
CA SER A 246 9.42 -5.41 -2.39
C SER A 246 10.82 -4.77 -2.23
N HIS A 247 11.47 -4.42 -3.33
CA HIS A 247 12.72 -3.67 -3.30
C HIS A 247 12.50 -2.21 -2.88
N TYR A 248 11.37 -1.63 -3.29
CA TYR A 248 11.16 -0.18 -3.15
C TYR A 248 10.44 0.23 -1.86
N GLU A 249 9.46 -0.58 -1.45
CA GLU A 249 8.60 -0.21 -0.32
C GLU A 249 9.42 -0.09 0.96
N SER A 250 9.20 1.00 1.69
CA SER A 250 9.88 1.21 2.96
C SER A 250 9.07 2.21 3.76
N ASP A 251 9.44 2.40 5.02
CA ASP A 251 8.76 3.38 5.87
C ASP A 251 8.73 4.77 5.24
N GLN A 252 9.84 5.14 4.61
CA GLN A 252 9.97 6.45 3.97
C GLN A 252 9.36 6.48 2.57
N THR A 253 9.12 5.30 1.97
CA THR A 253 8.58 5.22 0.61
C THR A 253 7.40 4.26 0.57
N PRO A 254 6.27 4.66 1.17
CA PRO A 254 5.14 3.75 1.21
C PRO A 254 4.54 3.56 -0.20
N VAL A 255 3.74 2.52 -0.36
CA VAL A 255 3.23 2.15 -1.68
C VAL A 255 1.70 2.00 -1.62
N SER A 256 1.02 2.56 -2.62
CA SER A 256 -0.41 2.31 -2.78
C SER A 256 -0.63 1.71 -4.14
N HIS A 257 -1.08 0.46 -4.17
CA HIS A 257 -1.37 -0.20 -5.46
C HIS A 257 -2.46 0.54 -6.23
N GLU A 258 -3.53 0.95 -5.53
CA GLU A 258 -4.61 1.67 -6.21
C GLU A 258 -4.15 2.98 -6.85
N LYS A 259 -3.34 3.75 -6.13
CA LYS A 259 -2.80 5.00 -6.66
C LYS A 259 -1.98 4.71 -7.92
N ILE A 260 -1.19 3.64 -7.88
CA ILE A 260 -0.40 3.26 -9.07
C ILE A 260 -1.34 2.99 -10.24
N ALA A 261 -2.41 2.24 -10.01
CA ALA A 261 -3.33 1.89 -11.12
C ALA A 261 -3.98 3.16 -11.72
N ILE A 262 -4.28 4.12 -10.84
CA ILE A 262 -4.86 5.39 -11.27
C ILE A 262 -3.87 6.22 -12.09
N TYR A 263 -2.63 6.35 -11.60
CA TYR A 263 -1.63 7.11 -12.33
C TYR A 263 -1.32 6.51 -13.70
N LYS A 264 -1.41 5.18 -13.83
CA LYS A 264 -1.24 4.56 -15.15
C LYS A 264 -2.25 5.12 -16.15
N ILE A 265 -3.51 5.23 -15.72
CA ILE A 265 -4.57 5.83 -16.55
C ILE A 265 -4.27 7.28 -16.88
N LEU A 266 -3.89 8.07 -15.88
CA LEU A 266 -3.61 9.48 -16.10
C LEU A 266 -2.42 9.67 -17.05
N GLN A 267 -1.40 8.83 -16.90
CA GLN A 267 -0.24 8.86 -17.80
C GLN A 267 -0.58 8.59 -19.25
N ASP A 268 -1.33 7.51 -19.49
CA ASP A 268 -1.74 7.20 -20.84
C ASP A 268 -2.58 8.31 -21.44
N THR A 269 -3.51 8.87 -20.66
CA THR A 269 -4.29 10.02 -21.09
C THR A 269 -3.40 11.23 -21.46
N ILE A 270 -2.55 11.65 -20.51
CA ILE A 270 -1.73 12.84 -20.71
C ILE A 270 -0.77 12.66 -21.90
N TRP A 271 -0.08 11.52 -21.98
CA TRP A 271 0.86 11.30 -23.10
C TRP A 271 0.13 11.18 -24.43
N SER A 272 -1.08 10.60 -24.42
CA SER A 272 -1.86 10.56 -25.64
C SER A 272 -2.14 11.97 -26.14
N LEU A 273 -2.39 12.88 -25.20
CA LEU A 273 -2.69 14.28 -25.54
C LEU A 273 -1.45 15.06 -25.94
N TRP A 274 -0.34 14.78 -25.25
CA TRP A 274 0.97 15.32 -25.59
C TRP A 274 1.28 14.96 -27.04
N THR A 275 0.94 13.73 -27.41
CA THR A 275 1.16 13.24 -28.76
C THR A 275 0.40 14.07 -29.79
N VAL A 276 -0.87 14.35 -29.50
CA VAL A 276 -1.68 15.16 -30.41
C VAL A 276 -1.06 16.54 -30.62
N TYR A 277 -0.67 17.18 -29.51
CA TYR A 277 0.02 18.47 -29.57
C TYR A 277 1.30 18.42 -30.41
N LYS A 278 2.16 17.43 -30.18
CA LYS A 278 3.42 17.32 -30.94
C LYS A 278 3.18 17.07 -32.43
N GLU A 279 2.19 16.23 -32.74
CA GLU A 279 1.86 15.93 -34.13
C GLU A 279 1.26 17.13 -34.86
N GLU A 280 0.68 18.07 -34.12
CA GLU A 280 0.23 19.33 -34.69
C GLU A 280 1.40 20.19 -35.14
N GLN A 281 2.59 19.91 -34.60
CA GLN A 281 3.83 20.51 -35.10
C GLN A 281 4.50 19.70 -36.22
N GLY A 282 3.77 18.71 -36.75
CA GLY A 282 4.25 17.93 -37.89
C GLY A 282 4.97 16.63 -37.57
N GLU A 283 5.14 16.34 -36.29
CA GLU A 283 5.84 15.12 -35.87
C GLU A 283 4.95 13.90 -36.07
N ASP A 284 5.57 12.76 -36.28
CA ASP A 284 4.84 11.54 -36.58
C ASP A 284 5.31 10.44 -35.64
N PHE A 285 4.43 10.05 -34.73
CA PHE A 285 4.74 9.00 -33.77
C PHE A 285 4.03 7.70 -34.13
N GLY A 286 3.53 7.62 -35.36
CA GLY A 286 2.80 6.45 -35.83
C GLY A 286 1.54 6.27 -35.01
N ASP A 287 1.39 5.08 -34.43
CA ASP A 287 0.20 4.77 -33.65
C ASP A 287 0.38 4.98 -32.15
N TYR A 288 1.49 5.60 -31.76
CA TYR A 288 1.82 5.82 -30.35
C TYR A 288 0.64 6.45 -29.58
N GLY A 289 0.11 7.55 -30.12
CA GLY A 289 -0.95 8.33 -29.46
C GLY A 289 -2.22 7.54 -29.19
N VAL A 290 -2.79 6.96 -30.24
CA VAL A 290 -4.04 6.21 -30.09
C VAL A 290 -3.85 4.95 -29.23
N ASN A 291 -2.69 4.32 -29.31
CA ASN A 291 -2.46 3.14 -28.48
C ASN A 291 -2.41 3.49 -27.01
N ARG A 292 -1.76 4.61 -26.70
CA ARG A 292 -1.76 5.12 -25.31
C ARG A 292 -3.17 5.52 -24.86
N TYR A 293 -3.90 6.23 -25.72
CA TYR A 293 -5.30 6.55 -25.42
C TYR A 293 -6.14 5.30 -25.12
N GLN A 294 -6.05 4.28 -25.98
CA GLN A 294 -6.80 3.06 -25.74
C GLN A 294 -6.38 2.31 -24.48
N ARG A 295 -5.10 2.36 -24.15
CA ARG A 295 -4.67 1.75 -22.90
C ARG A 295 -5.26 2.47 -21.68
N ALA A 296 -5.44 3.79 -21.74
CA ALA A 296 -6.22 4.51 -20.70
C ALA A 296 -7.68 4.04 -20.69
N VAL A 297 -8.29 4.00 -21.87
CA VAL A 297 -9.65 3.45 -22.01
C VAL A 297 -9.73 2.05 -21.39
N LYS A 298 -8.80 1.17 -21.75
CA LYS A 298 -8.80 -0.21 -21.22
C LYS A 298 -8.52 -0.21 -19.73
N GLY A 299 -7.63 0.67 -19.26
CA GLY A 299 -7.37 0.83 -17.83
C GLY A 299 -8.59 1.26 -17.06
N LEU A 300 -9.37 2.19 -17.63
CA LEU A 300 -10.63 2.65 -17.02
C LEU A 300 -11.65 1.52 -16.88
N ALA A 301 -11.73 0.67 -17.89
CA ALA A 301 -12.66 -0.47 -17.88
C ALA A 301 -12.27 -1.51 -16.83
N SER A 302 -10.98 -1.82 -16.71
CA SER A 302 -10.43 -2.75 -15.70
C SER A 302 -10.56 -2.22 -14.28
N TYR A 303 -10.42 -0.91 -14.13
CA TYR A 303 -10.51 -0.27 -12.83
C TYR A 303 -11.90 -0.33 -12.20
N SER B 19 -28.49 -26.99 39.40
CA SER B 19 -27.10 -26.86 38.86
C SER B 19 -26.39 -25.67 39.51
N HIS B 20 -25.17 -25.91 39.99
CA HIS B 20 -24.42 -24.87 40.71
C HIS B 20 -23.97 -23.71 39.81
N MET B 21 -23.61 -24.03 38.57
CA MET B 21 -23.24 -23.00 37.60
C MET B 21 -24.43 -22.08 37.32
N GLU B 22 -25.59 -22.71 37.08
CA GLU B 22 -26.88 -22.03 36.92
C GLU B 22 -27.18 -21.05 38.08
N LYS B 23 -26.95 -21.49 39.31
CA LYS B 23 -27.19 -20.66 40.50
C LYS B 23 -26.24 -19.47 40.62
N ILE B 24 -24.96 -19.72 40.35
CA ILE B 24 -23.93 -18.68 40.43
C ILE B 24 -24.26 -17.51 39.48
N ILE B 25 -24.69 -17.85 38.26
CA ILE B 25 -25.09 -16.86 37.27
C ILE B 25 -26.27 -16.00 37.75
N LYS B 26 -27.25 -16.66 38.38
CA LYS B 26 -28.42 -15.98 38.96
C LYS B 26 -28.07 -14.96 40.04
N GLU B 27 -27.08 -15.29 40.87
CA GLU B 27 -26.62 -14.36 41.92
C GLU B 27 -25.70 -13.26 41.36
N LYS B 28 -25.02 -13.54 40.26
CA LYS B 28 -24.13 -12.56 39.63
C LYS B 28 -24.88 -11.49 38.86
N ILE B 29 -26.09 -11.82 38.38
CA ILE B 29 -26.87 -10.90 37.54
C ILE B 29 -28.12 -10.32 38.21
N SER B 30 -28.46 -10.80 39.41
CA SER B 30 -29.65 -10.34 40.13
C SER B 30 -29.56 -8.86 40.51
N SER B 31 -28.33 -8.37 40.65
CA SER B 31 -28.05 -6.96 40.92
C SER B 31 -28.52 -6.05 39.79
N LEU B 32 -28.76 -6.64 38.61
CA LEU B 32 -29.24 -5.90 37.44
C LEU B 32 -30.76 -5.98 37.26
N LEU B 33 -31.43 -6.65 38.19
CA LEU B 33 -32.89 -6.80 38.12
C LEU B 33 -33.57 -6.33 39.41
N GLU B 38 -35.87 -12.51 37.53
CA GLU B 38 -36.80 -13.49 36.96
C GLU B 38 -36.14 -14.25 35.80
N VAL B 39 -35.09 -15.01 36.13
CA VAL B 39 -34.32 -15.75 35.12
C VAL B 39 -35.03 -17.06 34.78
N LEU B 40 -35.41 -17.20 33.51
CA LEU B 40 -36.13 -18.39 33.04
C LEU B 40 -35.21 -19.47 32.48
N SER B 41 -34.11 -19.05 31.86
CA SER B 41 -33.23 -19.98 31.17
C SER B 41 -31.78 -19.49 31.13
N VAL B 42 -30.86 -20.44 31.27
CA VAL B 42 -29.43 -20.21 31.08
C VAL B 42 -28.90 -21.27 30.11
N GLU B 43 -28.29 -20.83 29.02
CA GLU B 43 -27.84 -21.74 27.97
C GLU B 43 -26.33 -21.59 27.73
N GLN B 44 -25.65 -22.72 27.56
CA GLN B 44 -24.22 -22.74 27.32
C GLN B 44 -23.95 -22.31 25.88
N LEU B 45 -23.00 -21.39 25.69
CA LEU B 45 -22.66 -20.87 24.36
C LEU B 45 -21.27 -21.34 23.92
N GLY B 46 -21.13 -21.56 22.62
CA GLY B 46 -19.87 -22.04 22.04
C GLY B 46 -18.80 -20.95 21.91
N GLY B 47 -18.17 -20.93 20.74
CA GLY B 47 -17.07 -20.00 20.48
C GLY B 47 -15.73 -20.67 20.69
N MET B 48 -14.81 -19.95 21.33
CA MET B 48 -13.50 -20.51 21.72
C MET B 48 -13.24 -20.31 23.21
N THR B 49 -14.32 -20.32 23.99
CA THR B 49 -14.27 -20.27 25.46
C THR B 49 -15.60 -20.85 25.98
N ASN B 50 -15.51 -21.92 26.77
CA ASN B 50 -16.71 -22.54 27.35
C ASN B 50 -17.23 -21.76 28.56
N GLN B 51 -16.61 -20.62 28.81
CA GLN B 51 -16.99 -19.73 29.89
C GLN B 51 -18.05 -18.70 29.44
N ASN B 52 -18.77 -19.00 28.37
CA ASN B 52 -19.84 -18.13 27.85
C ASN B 52 -21.24 -18.73 28.03
N TYR B 53 -22.16 -17.93 28.57
CA TYR B 53 -23.52 -18.36 28.83
C TYR B 53 -24.53 -17.30 28.38
N LEU B 54 -25.74 -17.75 28.05
CA LEU B 54 -26.84 -16.85 27.68
C LEU B 54 -27.95 -16.88 28.72
N ALA B 55 -28.12 -15.77 29.44
CA ALA B 55 -29.13 -15.67 30.49
C ALA B 55 -30.42 -15.02 29.99
N LYS B 56 -31.48 -15.81 29.91
CA LYS B 56 -32.80 -15.32 29.51
C LYS B 56 -33.64 -14.90 30.72
N THR B 57 -34.12 -13.66 30.69
CA THR B 57 -35.01 -13.13 31.73
C THR B 57 -36.40 -12.89 31.12
N THR B 58 -37.36 -12.50 31.96
CA THR B 58 -38.68 -12.07 31.50
C THR B 58 -38.62 -10.83 30.61
N ASN B 59 -37.74 -9.89 30.98
CA ASN B 59 -37.60 -8.63 30.26
C ASN B 59 -36.57 -8.69 29.14
N LYS B 60 -35.32 -8.99 29.53
CA LYS B 60 -34.17 -8.88 28.64
C LYS B 60 -33.41 -10.20 28.55
N GLN B 61 -32.45 -10.26 27.65
CA GLN B 61 -31.51 -11.37 27.58
C GLN B 61 -30.10 -10.83 27.75
N TYR B 62 -29.27 -11.57 28.47
CA TYR B 62 -27.91 -11.14 28.78
C TYR B 62 -26.89 -12.16 28.33
N ILE B 63 -25.74 -11.66 27.88
CA ILE B 63 -24.58 -12.50 27.61
C ILE B 63 -23.69 -12.48 28.84
N VAL B 64 -23.45 -13.64 29.43
CA VAL B 64 -22.62 -13.76 30.62
C VAL B 64 -21.31 -14.47 30.30
N LYS B 65 -20.20 -13.76 30.54
CA LYS B 65 -18.87 -14.28 30.25
C LYS B 65 -18.06 -14.46 31.52
N PHE B 66 -17.46 -15.64 31.68
CA PHE B 66 -16.59 -15.91 32.81
C PHE B 66 -15.11 -15.91 32.43
N PHE B 67 -14.25 -15.53 33.37
CA PHE B 67 -12.79 -15.63 33.22
C PHE B 67 -12.09 -15.80 34.58
N GLY B 68 -11.16 -16.76 34.66
CA GLY B 68 -10.52 -17.09 35.93
C GLY B 68 -9.00 -17.12 35.96
N LYS B 69 -8.45 -18.30 35.72
CA LYS B 69 -7.02 -18.58 35.88
C LYS B 69 -6.27 -18.63 34.55
N GLY B 70 -6.74 -19.48 33.63
CA GLY B 70 -6.08 -19.72 32.34
C GLY B 70 -5.83 -18.48 31.50
N THR B 71 -6.88 -17.69 31.28
CA THR B 71 -6.80 -16.46 30.47
C THR B 71 -6.11 -15.31 31.18
N GLU B 72 -5.94 -15.39 32.50
CA GLU B 72 -5.02 -14.46 33.16
C GLU B 72 -3.63 -15.02 32.87
N LYS B 73 -2.64 -14.13 32.71
CA LYS B 73 -1.38 -14.47 32.02
C LYS B 73 -1.53 -14.35 30.50
N LEU B 74 -2.73 -13.98 30.04
CA LEU B 74 -2.97 -13.76 28.61
C LEU B 74 -3.62 -12.38 28.52
N ILE B 75 -4.68 -12.18 29.30
CA ILE B 75 -5.50 -10.97 29.23
C ILE B 75 -5.45 -10.21 30.55
N ASN B 76 -5.02 -8.96 30.51
CA ASN B 76 -5.13 -8.09 31.67
C ASN B 76 -6.57 -7.55 31.75
N ARG B 77 -7.32 -8.00 32.75
CA ARG B 77 -8.75 -7.66 32.86
C ARG B 77 -8.99 -6.21 33.27
N GLN B 78 -8.11 -5.65 34.10
CA GLN B 78 -8.16 -4.22 34.41
C GLN B 78 -7.97 -3.41 33.12
N ASP B 79 -7.02 -3.85 32.28
CA ASP B 79 -6.81 -3.21 30.99
C ASP B 79 -8.05 -3.35 30.11
N GLU B 80 -8.61 -4.56 30.06
CA GLU B 80 -9.81 -4.78 29.28
C GLU B 80 -10.95 -3.85 29.74
N LYS B 81 -11.13 -3.70 31.05
CA LYS B 81 -12.17 -2.82 31.60
C LYS B 81 -11.96 -1.36 31.18
N TYR B 82 -10.72 -0.91 31.26
CA TYR B 82 -10.39 0.43 30.79
C TYR B 82 -10.74 0.60 29.32
N ASN B 83 -10.27 -0.33 28.50
CA ASN B 83 -10.51 -0.31 27.05
C ASN B 83 -12.00 -0.34 26.69
N LEU B 84 -12.81 -1.06 27.47
CA LEU B 84 -14.27 -1.06 27.26
C LEU B 84 -14.85 0.33 27.46
N GLU B 85 -14.48 0.95 28.59
CA GLU B 85 -14.91 2.31 28.91
C GLU B 85 -14.45 3.31 27.84
N LEU B 86 -13.18 3.22 27.48
CA LEU B 86 -12.54 4.02 26.41
C LEU B 86 -13.30 4.04 25.07
N LEU B 87 -13.71 2.86 24.61
CA LEU B 87 -14.25 2.69 23.25
C LEU B 87 -15.76 2.87 23.15
N LYS B 88 -16.40 2.99 24.30
CA LYS B 88 -17.86 3.12 24.39
C LYS B 88 -18.41 4.17 23.43
N ASP B 89 -17.73 5.31 23.32
CA ASP B 89 -18.28 6.41 22.51
C ASP B 89 -18.21 6.20 21.00
N LEU B 90 -17.41 5.23 20.57
CA LEU B 90 -17.35 4.85 19.16
C LEU B 90 -18.59 4.07 18.73
N GLY B 91 -19.28 3.46 19.69
CA GLY B 91 -20.51 2.72 19.40
C GLY B 91 -20.33 1.56 18.42
N LEU B 92 -19.19 0.88 18.51
CA LEU B 92 -18.94 -0.29 17.68
C LEU B 92 -19.37 -1.59 18.34
N ASP B 93 -19.15 -1.67 19.65
CA ASP B 93 -19.41 -2.86 20.46
C ASP B 93 -20.83 -2.77 20.98
N VAL B 94 -21.36 -3.90 21.46
CA VAL B 94 -22.63 -3.91 22.20
C VAL B 94 -22.43 -3.36 23.62
N LYS B 95 -23.53 -3.03 24.30
CA LYS B 95 -23.50 -2.54 25.66
C LYS B 95 -22.97 -3.56 26.66
N ASN B 96 -22.14 -3.09 27.58
CA ASN B 96 -21.69 -3.89 28.71
C ASN B 96 -22.37 -3.37 29.97
N TYR B 97 -23.08 -4.24 30.67
CA TYR B 97 -23.75 -3.85 31.91
C TYR B 97 -22.86 -4.02 33.14
N LEU B 98 -22.11 -5.11 33.18
CA LEU B 98 -21.33 -5.46 34.35
C LEU B 98 -19.95 -5.98 33.97
N PHE B 99 -18.93 -5.47 34.65
CA PHE B 99 -17.57 -5.95 34.51
C PHE B 99 -16.90 -5.98 35.87
N ASP B 100 -16.92 -7.14 36.51
CA ASP B 100 -16.36 -7.29 37.86
C ASP B 100 -15.20 -8.27 37.87
N ILE B 101 -13.99 -7.74 38.02
CA ILE B 101 -12.77 -8.55 37.98
C ILE B 101 -12.73 -9.51 39.16
N GLU B 102 -13.07 -9.00 40.36
CA GLU B 102 -13.16 -9.82 41.57
C GLU B 102 -13.87 -11.15 41.30
N ALA B 103 -15.13 -11.05 40.86
CA ALA B 103 -15.96 -12.21 40.56
C ALA B 103 -15.52 -13.01 39.32
N GLY B 104 -14.75 -12.36 38.45
CA GLY B 104 -14.39 -12.95 37.16
C GLY B 104 -15.55 -12.92 36.18
N ILE B 105 -16.40 -11.91 36.30
CA ILE B 105 -17.67 -11.86 35.57
C ILE B 105 -17.82 -10.68 34.61
N LYS B 106 -18.29 -10.98 33.40
CA LYS B 106 -18.61 -9.97 32.39
C LYS B 106 -20.04 -10.20 31.90
N VAL B 107 -20.85 -9.14 31.87
CA VAL B 107 -22.23 -9.23 31.40
C VAL B 107 -22.54 -8.21 30.32
N ASN B 108 -22.94 -8.68 29.16
CA ASN B 108 -23.25 -7.80 28.04
C ASN B 108 -24.70 -7.91 27.59
N GLU B 109 -25.14 -6.84 26.94
CA GLU B 109 -26.37 -6.80 26.18
C GLU B 109 -26.35 -7.89 25.11
N TYR B 110 -27.47 -8.55 24.95
CA TYR B 110 -27.63 -9.52 23.89
C TYR B 110 -28.63 -8.95 22.91
N ILE B 111 -28.17 -8.67 21.69
CA ILE B 111 -29.04 -8.18 20.64
C ILE B 111 -29.87 -9.36 20.15
N GLU B 112 -31.13 -9.39 20.56
CA GLU B 112 -32.05 -10.43 20.11
C GLU B 112 -32.36 -10.25 18.63
N SER B 113 -32.55 -11.36 17.93
CA SER B 113 -32.82 -11.30 16.49
C SER B 113 -31.66 -10.69 15.70
N ALA B 114 -30.46 -10.69 16.29
CA ALA B 114 -29.26 -10.29 15.58
C ALA B 114 -28.65 -11.51 14.91
N ILE B 115 -27.94 -11.25 13.82
CA ILE B 115 -27.30 -12.30 13.03
C ILE B 115 -25.78 -12.22 13.18
N THR B 116 -25.18 -13.35 13.52
CA THR B 116 -23.73 -13.48 13.59
C THR B 116 -23.20 -13.76 12.19
N LEU B 117 -22.21 -12.97 11.76
CA LEU B 117 -21.59 -13.18 10.45
C LEU B 117 -20.69 -14.41 10.45
N ASP B 118 -20.46 -14.94 9.26
CA ASP B 118 -19.57 -16.08 9.10
C ASP B 118 -18.71 -15.84 7.87
N SER B 119 -17.82 -16.79 7.56
CA SER B 119 -16.85 -16.60 6.48
C SER B 119 -17.50 -16.40 5.10
N THR B 120 -18.79 -16.74 4.98
CA THR B 120 -19.50 -16.50 3.73
C THR B 120 -20.24 -15.17 3.72
N SER B 121 -21.03 -14.91 4.77
CA SER B 121 -21.85 -13.70 4.80
C SER B 121 -21.01 -12.43 4.96
N ILE B 122 -19.85 -12.54 5.59
CA ILE B 122 -18.96 -11.38 5.78
C ILE B 122 -18.56 -10.75 4.44
N LYS B 123 -18.53 -11.56 3.40
CA LYS B 123 -18.13 -11.07 2.09
C LYS B 123 -19.20 -10.25 1.40
N THR B 124 -20.38 -10.18 2.00
CA THR B 124 -21.45 -9.31 1.50
C THR B 124 -21.51 -7.98 2.27
N LYS B 125 -20.60 -7.78 3.22
CA LYS B 125 -20.74 -6.66 4.18
C LYS B 125 -19.59 -5.66 4.14
N PHE B 126 -18.83 -5.64 3.05
CA PHE B 126 -17.66 -4.76 2.90
C PHE B 126 -17.96 -3.29 3.20
N ASP B 127 -19.10 -2.80 2.68
CA ASP B 127 -19.48 -1.40 2.89
C ASP B 127 -19.83 -1.08 4.32
N LYS B 128 -19.97 -2.10 5.17
CA LYS B 128 -20.24 -1.90 6.58
C LYS B 128 -18.99 -2.15 7.42
N ILE B 129 -18.25 -3.18 7.04
CA ILE B 129 -17.03 -3.52 7.77
C ILE B 129 -15.92 -2.49 7.56
N ALA B 130 -15.75 -2.02 6.33
CA ALA B 130 -14.70 -1.04 6.05
C ALA B 130 -14.83 0.21 6.93
N PRO B 131 -16.04 0.82 7.00
CA PRO B 131 -16.28 1.97 7.89
C PRO B 131 -16.01 1.66 9.37
N ILE B 132 -16.38 0.47 9.83
CA ILE B 132 -16.09 0.05 11.21
C ILE B 132 -14.57 0.03 11.46
N LEU B 133 -13.82 -0.56 10.53
CA LEU B 133 -12.36 -0.64 10.73
C LEU B 133 -11.68 0.72 10.60
N GLN B 134 -12.16 1.54 9.66
CA GLN B 134 -11.66 2.90 9.54
C GLN B 134 -11.89 3.68 10.83
N THR B 135 -13.07 3.51 11.43
CA THR B 135 -13.42 4.22 12.67
C THR B 135 -12.45 3.88 13.81
N ILE B 136 -12.24 2.60 14.05
CA ILE B 136 -11.31 2.22 15.12
C ILE B 136 -9.87 2.63 14.81
N HIS B 137 -9.43 2.38 13.57
CA HIS B 137 -8.03 2.68 13.21
C HIS B 137 -7.68 4.15 13.20
N THR B 138 -8.67 5.01 12.90
CA THR B 138 -8.43 6.45 12.91
C THR B 138 -8.96 7.11 14.18
N SER B 139 -9.24 6.34 15.22
CA SER B 139 -9.93 6.87 16.40
C SER B 139 -9.06 7.72 17.32
N ALA B 140 -7.74 7.58 17.17
CA ALA B 140 -6.73 8.12 18.11
C ALA B 140 -6.89 7.61 19.55
N LYS B 141 -7.71 6.58 19.73
CA LYS B 141 -7.88 5.99 21.05
C LYS B 141 -6.59 5.33 21.52
N GLU B 142 -6.18 5.65 22.74
CA GLU B 142 -5.00 5.04 23.35
C GLU B 142 -5.45 3.91 24.23
N LEU B 143 -5.30 2.69 23.73
CA LEU B 143 -5.71 1.53 24.47
C LEU B 143 -4.64 1.19 25.48
N ARG B 144 -5.05 0.58 26.59
CA ARG B 144 -4.09 -0.03 27.46
C ARG B 144 -3.67 -1.32 26.79
N GLY B 145 -2.37 -1.46 26.53
CA GLY B 145 -1.82 -2.67 25.96
C GLY B 145 -1.27 -2.41 24.58
N GLU B 146 -0.03 -2.85 24.37
CA GLU B 146 0.64 -2.79 23.07
C GLU B 146 0.82 -4.20 22.57
N PHE B 147 0.46 -4.44 21.31
CA PHE B 147 0.67 -5.76 20.73
C PHE B 147 1.96 -5.78 19.93
N ALA B 148 2.96 -6.45 20.47
CA ALA B 148 4.26 -6.53 19.82
C ALA B 148 4.40 -8.00 19.46
N PRO B 149 4.19 -8.36 18.18
CA PRO B 149 3.97 -9.77 17.86
C PRO B 149 5.12 -10.70 18.23
N PHE B 150 6.37 -10.24 18.09
CA PHE B 150 7.50 -11.10 18.44
C PHE B 150 7.62 -11.30 19.93
N GLU B 151 7.26 -10.27 20.69
CA GLU B 151 7.18 -10.37 22.14
C GLU B 151 6.05 -11.32 22.55
N GLU B 152 4.96 -11.32 21.79
CA GLU B 152 3.84 -12.21 22.05
C GLU B 152 4.24 -13.66 21.82
N ILE B 153 5.02 -13.90 20.78
CA ILE B 153 5.54 -15.23 20.52
C ILE B 153 6.40 -15.67 21.73
N LYS B 154 7.26 -14.79 22.21
CA LYS B 154 8.12 -15.13 23.34
C LYS B 154 7.28 -15.42 24.58
N LYS B 155 6.18 -14.70 24.71
CA LYS B 155 5.25 -14.86 25.82
C LYS B 155 4.66 -16.27 25.84
N TYR B 156 4.10 -16.70 24.71
CA TYR B 156 3.49 -18.04 24.62
C TYR B 156 4.52 -19.15 24.82
N GLU B 157 5.70 -18.98 24.23
CA GLU B 157 6.81 -19.90 24.46
C GLU B 157 7.13 -20.06 25.95
N SER B 158 7.12 -18.94 26.68
CA SER B 158 7.41 -18.98 28.11
C SER B 158 6.27 -19.65 28.87
N LEU B 159 5.03 -19.39 28.46
CA LEU B 159 3.86 -19.95 29.12
C LEU B 159 3.65 -21.43 28.83
N ILE B 160 4.11 -21.91 27.68
CA ILE B 160 3.94 -23.31 27.33
C ILE B 160 4.93 -24.15 28.14
N GLU B 161 4.38 -25.09 28.93
CA GLU B 161 5.15 -25.96 29.83
C GLU B 161 5.82 -27.14 29.10
N GLU B 162 5.07 -27.86 28.28
CA GLU B 162 5.63 -28.96 27.50
C GLU B 162 6.36 -28.45 26.26
N GLN B 163 7.03 -29.36 25.56
CA GLN B 163 7.66 -29.00 24.30
C GLN B 163 6.58 -28.66 23.27
N ILE B 164 6.80 -27.58 22.52
CA ILE B 164 5.90 -27.19 21.45
C ILE B 164 5.83 -28.33 20.43
N PRO B 165 4.61 -28.84 20.17
CA PRO B 165 4.45 -30.11 19.45
C PRO B 165 4.64 -30.02 17.95
N TYR B 166 4.80 -28.81 17.42
CA TYR B 166 4.84 -28.59 15.97
C TYR B 166 6.19 -28.93 15.33
N ALA B 167 6.12 -29.55 14.14
CA ALA B 167 7.32 -29.99 13.41
C ALA B 167 8.20 -28.85 12.91
N ASN B 168 9.51 -29.00 13.13
CA ASN B 168 10.53 -28.06 12.64
C ASN B 168 10.47 -26.68 13.31
N TYR B 169 10.01 -26.66 14.55
CA TYR B 169 9.65 -25.40 15.22
C TYR B 169 10.80 -24.42 15.33
N GLU B 170 11.99 -24.91 15.67
CA GLU B 170 13.11 -24.01 15.90
C GLU B 170 13.52 -23.29 14.59
N SER B 171 13.48 -24.03 13.49
CA SER B 171 13.72 -23.48 12.16
C SER B 171 12.60 -22.51 11.67
N VAL B 172 11.36 -22.87 11.93
CA VAL B 172 10.21 -22.00 11.60
C VAL B 172 10.27 -20.71 12.45
N ARG B 173 10.44 -20.88 13.76
CA ARG B 173 10.53 -19.74 14.67
C ARG B 173 11.55 -18.76 14.14
N ASN B 174 12.73 -19.23 13.78
CA ASN B 174 13.75 -18.31 13.30
C ASN B 174 13.48 -17.65 11.95
N ALA B 175 12.78 -18.35 11.05
CA ALA B 175 12.28 -17.75 9.81
C ALA B 175 11.22 -16.66 10.11
N VAL B 176 10.34 -16.93 11.07
CA VAL B 176 9.34 -15.96 11.51
C VAL B 176 10.02 -14.73 12.11
N PHE B 177 11.03 -14.95 12.96
CA PHE B 177 11.73 -13.82 13.62
C PHE B 177 12.52 -12.95 12.70
N SER B 178 12.91 -13.47 11.53
CA SER B 178 13.53 -12.68 10.49
C SER B 178 12.60 -11.62 9.89
N LEU B 179 11.28 -11.79 10.07
CA LEU B 179 10.31 -10.79 9.59
C LEU B 179 10.31 -9.53 10.43
N GLU B 180 10.88 -9.59 11.64
CA GLU B 180 10.92 -8.43 12.52
C GLU B 180 11.68 -7.25 11.89
N LYS B 181 12.87 -7.55 11.35
CA LYS B 181 13.65 -6.56 10.62
C LYS B 181 12.87 -6.04 9.41
N ARG B 182 12.24 -6.94 8.67
CA ARG B 182 11.47 -6.55 7.50
C ARG B 182 10.36 -5.59 7.86
N LEU B 183 9.60 -5.91 8.91
CA LEU B 183 8.54 -5.02 9.37
C LEU B 183 9.10 -3.68 9.79
N ALA B 184 10.24 -3.69 10.48
CA ALA B 184 10.90 -2.43 10.88
C ALA B 184 11.24 -1.57 9.66
N ASP B 185 11.79 -2.20 8.62
CA ASP B 185 12.11 -1.49 7.37
C ASP B 185 10.86 -0.92 6.68
N LEU B 186 9.76 -1.67 6.75
CA LEU B 186 8.49 -1.25 6.15
C LEU B 186 7.79 -0.13 6.93
N GLY B 187 8.08 -0.06 8.22
CA GLY B 187 7.47 0.91 9.11
C GLY B 187 6.28 0.29 9.79
N VAL B 188 6.26 0.39 11.11
CA VAL B 188 5.17 -0.19 11.90
C VAL B 188 4.42 0.98 12.51
N ASP B 189 3.11 1.01 12.26
CA ASP B 189 2.24 2.01 12.83
C ASP B 189 1.70 1.53 14.17
N ARG B 190 1.19 2.46 14.99
CA ARG B 190 0.73 2.13 16.32
C ARG B 190 -0.65 2.76 16.54
N LYS B 191 -1.69 1.96 16.32
CA LYS B 191 -3.08 2.44 16.37
C LYS B 191 -3.94 1.49 17.18
N SER B 192 -5.10 1.95 17.62
CA SER B 192 -6.04 1.08 18.30
C SER B 192 -6.56 0.03 17.32
N CYS B 193 -6.37 -1.24 17.68
CA CYS B 193 -6.79 -2.37 16.82
C CYS B 193 -7.68 -3.33 17.60
N HIS B 194 -8.53 -4.06 16.86
CA HIS B 194 -9.38 -5.06 17.49
C HIS B 194 -8.59 -6.32 17.81
N ILE B 195 -7.71 -6.73 16.87
CA ILE B 195 -6.76 -7.84 17.03
C ILE B 195 -7.28 -9.25 16.75
N ASP B 196 -8.58 -9.40 16.52
CA ASP B 196 -9.18 -10.73 16.48
C ASP B 196 -10.43 -10.71 15.58
N LEU B 197 -10.23 -10.43 14.30
CA LEU B 197 -11.36 -10.23 13.37
C LEU B 197 -11.86 -11.53 12.70
N VAL B 198 -12.14 -12.53 13.52
CA VAL B 198 -12.92 -13.68 13.10
C VAL B 198 -14.32 -13.19 12.70
N PRO B 199 -14.95 -13.85 11.71
CA PRO B 199 -16.22 -13.28 11.23
C PRO B 199 -17.34 -13.30 12.28
N GLU B 200 -17.28 -14.26 13.22
CA GLU B 200 -18.28 -14.34 14.27
C GLU B 200 -18.22 -13.18 15.27
N ASN B 201 -17.20 -12.32 15.17
CA ASN B 201 -17.15 -11.11 16.00
C ASN B 201 -17.96 -9.94 15.43
N PHE B 202 -18.54 -10.15 14.26
CA PHE B 202 -19.44 -9.20 13.65
C PHE B 202 -20.85 -9.74 13.76
N ILE B 203 -21.74 -8.89 14.25
CA ILE B 203 -23.17 -9.20 14.34
C ILE B 203 -23.99 -8.06 13.75
N GLU B 204 -25.05 -8.43 13.03
CA GLU B 204 -25.92 -7.46 12.39
C GLU B 204 -27.26 -7.47 13.10
N SER B 205 -27.70 -6.30 13.53
CA SER B 205 -29.00 -6.15 14.18
C SER B 205 -30.09 -5.96 13.12
N PRO B 206 -31.37 -6.06 13.51
CA PRO B 206 -32.45 -5.90 12.50
C PRO B 206 -32.42 -4.59 11.68
N GLN B 207 -31.96 -3.48 12.26
CA GLN B 207 -31.84 -2.24 11.50
C GLN B 207 -30.74 -2.34 10.44
N GLY B 208 -29.94 -3.40 10.52
CA GLY B 208 -28.86 -3.61 9.56
C GLY B 208 -27.58 -2.93 10.01
N ARG B 209 -27.52 -2.61 11.31
CA ARG B 209 -26.32 -2.01 11.90
C ARG B 209 -25.37 -3.12 12.32
N LEU B 210 -24.11 -3.00 11.90
CA LEU B 210 -23.12 -3.99 12.25
C LEU B 210 -22.42 -3.57 13.53
N TYR B 211 -22.29 -4.53 14.44
CA TYR B 211 -21.52 -4.33 15.66
C TYR B 211 -20.30 -5.26 15.61
N LEU B 212 -19.18 -4.74 16.12
CA LEU B 212 -17.98 -5.53 16.27
C LEU B 212 -17.79 -5.75 17.76
N ILE B 213 -17.78 -7.02 18.16
CA ILE B 213 -17.78 -7.42 19.55
C ILE B 213 -16.50 -8.12 19.99
N ASP B 214 -16.43 -8.46 21.27
CA ASP B 214 -15.38 -9.32 21.81
C ASP B 214 -13.98 -8.70 21.64
N TRP B 215 -13.78 -7.61 22.38
CA TRP B 215 -12.59 -6.78 22.29
C TRP B 215 -11.53 -7.18 23.32
N GLU B 216 -11.62 -8.42 23.80
CA GLU B 216 -10.67 -8.96 24.81
C GLU B 216 -9.19 -8.87 24.41
N TYR B 217 -8.87 -9.07 23.13
CA TYR B 217 -7.46 -9.06 22.71
C TYR B 217 -6.98 -7.70 22.23
N SER B 218 -7.92 -6.75 22.17
CA SER B 218 -7.68 -5.44 21.61
C SER B 218 -6.48 -4.75 22.24
N SER B 219 -5.66 -4.15 21.40
CA SER B 219 -4.39 -3.61 21.81
C SER B 219 -3.86 -2.69 20.70
N MET B 220 -2.94 -1.80 21.04
CA MET B 220 -2.27 -0.99 20.04
C MET B 220 -1.41 -1.86 19.13
N ASN B 221 -1.53 -1.64 17.82
CA ASN B 221 -0.85 -2.46 16.83
C ASN B 221 -0.89 -1.74 15.49
N ASP B 222 -0.28 -2.33 14.46
CA ASP B 222 -0.43 -1.81 13.11
C ASP B 222 -1.79 -2.24 12.54
N PRO B 223 -2.56 -1.29 11.97
CA PRO B 223 -3.86 -1.66 11.41
C PRO B 223 -3.81 -2.80 10.38
N MET B 224 -2.68 -2.98 9.70
CA MET B 224 -2.56 -4.11 8.75
C MET B 224 -2.68 -5.48 9.44
N TRP B 225 -2.46 -5.52 10.75
CA TRP B 225 -2.75 -6.73 11.53
C TRP B 225 -4.25 -7.06 11.44
N ASP B 226 -5.08 -6.08 11.73
CA ASP B 226 -6.53 -6.25 11.67
C ASP B 226 -6.97 -6.65 10.25
N LEU B 227 -6.40 -6.01 9.23
CA LEU B 227 -6.74 -6.38 7.87
C LEU B 227 -6.35 -7.84 7.57
N ALA B 228 -5.11 -8.21 7.93
CA ALA B 228 -4.64 -9.59 7.78
C ALA B 228 -5.59 -10.56 8.48
N ALA B 229 -5.98 -10.24 9.72
CA ALA B 229 -6.92 -11.10 10.46
C ALA B 229 -8.25 -11.25 9.73
N LEU B 230 -8.82 -10.13 9.30
CA LEU B 230 -10.10 -10.18 8.58
C LEU B 230 -9.98 -11.14 7.39
N PHE B 231 -8.92 -10.97 6.60
CA PHE B 231 -8.69 -11.74 5.38
C PHE B 231 -8.45 -13.21 5.68
N LEU B 232 -7.62 -13.46 6.67
CA LEU B 232 -7.18 -14.81 6.99
C LEU B 232 -8.29 -15.64 7.63
N GLU B 233 -8.97 -15.06 8.61
CA GLU B 233 -10.01 -15.80 9.34
C GLU B 233 -11.18 -16.23 8.45
N SER B 234 -11.49 -15.41 7.45
CA SER B 234 -12.58 -15.68 6.52
C SER B 234 -12.14 -16.22 5.17
N GLU B 235 -10.84 -16.48 5.01
CA GLU B 235 -10.27 -16.99 3.76
C GLU B 235 -10.72 -16.18 2.54
N PHE B 236 -10.47 -14.87 2.58
CA PHE B 236 -10.70 -13.99 1.42
C PHE B 236 -9.89 -14.45 0.21
N THR B 237 -10.50 -14.43 -0.97
CA THR B 237 -9.77 -14.60 -2.22
C THR B 237 -8.98 -13.32 -2.47
N SER B 238 -7.99 -13.38 -3.37
CA SER B 238 -7.20 -12.23 -3.78
C SER B 238 -8.08 -11.12 -4.27
N GLN B 239 -9.07 -11.46 -5.08
CA GLN B 239 -10.07 -10.50 -5.54
C GLN B 239 -10.88 -9.85 -4.41
N GLU B 240 -11.32 -10.65 -3.44
CA GLU B 240 -12.06 -10.14 -2.28
C GLU B 240 -11.21 -9.17 -1.46
N GLU B 241 -9.93 -9.49 -1.30
CA GLU B 241 -9.01 -8.60 -0.56
C GLU B 241 -8.91 -7.26 -1.27
N GLU B 242 -8.67 -7.31 -2.59
CA GLU B 242 -8.54 -6.08 -3.37
C GLU B 242 -9.83 -5.24 -3.30
N THR B 243 -10.98 -5.89 -3.42
CA THR B 243 -12.25 -5.19 -3.29
C THR B 243 -12.39 -4.58 -1.90
N PHE B 244 -12.07 -5.35 -0.86
CA PHE B 244 -12.18 -4.80 0.49
C PHE B 244 -11.26 -3.60 0.70
N LEU B 245 -10.03 -3.72 0.23
CA LEU B 245 -9.06 -2.63 0.34
C LEU B 245 -9.53 -1.36 -0.39
N SER B 246 -10.23 -1.50 -1.52
CA SER B 246 -10.80 -0.30 -2.16
C SER B 246 -11.88 0.40 -1.31
N HIS B 247 -12.59 -0.34 -0.45
CA HIS B 247 -13.51 0.26 0.52
C HIS B 247 -12.75 0.92 1.67
N TYR B 248 -11.64 0.30 2.05
CA TYR B 248 -10.93 0.67 3.28
C TYR B 248 -9.85 1.74 3.09
N GLU B 249 -9.03 1.60 2.04
CA GLU B 249 -7.90 2.51 1.80
C GLU B 249 -8.31 3.97 1.67
N SER B 250 -7.58 4.85 2.35
CA SER B 250 -7.86 6.28 2.32
C SER B 250 -6.64 7.02 2.84
N ASP B 251 -6.66 8.34 2.78
CA ASP B 251 -5.53 9.15 3.26
C ASP B 251 -5.15 8.86 4.72
N GLN B 252 -6.16 8.66 5.56
CA GLN B 252 -5.98 8.38 6.99
C GLN B 252 -5.77 6.88 7.25
N THR B 253 -6.09 6.05 6.26
CA THR B 253 -5.96 4.60 6.41
C THR B 253 -5.16 3.95 5.26
N PRO B 254 -3.83 4.18 5.23
CA PRO B 254 -3.03 3.63 4.14
C PRO B 254 -2.92 2.12 4.22
N VAL B 255 -2.62 1.51 3.08
CA VAL B 255 -2.62 0.06 2.97
C VAL B 255 -1.26 -0.41 2.44
N SER B 256 -0.67 -1.35 3.16
CA SER B 256 0.53 -2.04 2.70
C SER B 256 0.25 -3.52 2.49
N HIS B 257 0.30 -3.96 1.24
CA HIS B 257 0.00 -5.36 0.92
C HIS B 257 1.03 -6.30 1.55
N GLU B 258 2.28 -5.87 1.56
CA GLU B 258 3.32 -6.71 2.16
C GLU B 258 3.14 -6.87 3.67
N LYS B 259 2.77 -5.80 4.37
CA LYS B 259 2.58 -5.91 5.80
C LYS B 259 1.45 -6.88 6.12
N ILE B 260 0.40 -6.85 5.28
CA ILE B 260 -0.71 -7.80 5.45
C ILE B 260 -0.22 -9.24 5.35
N ALA B 261 0.61 -9.52 4.35
CA ALA B 261 1.13 -10.87 4.12
C ALA B 261 1.98 -11.34 5.29
N ILE B 262 2.77 -10.42 5.85
CA ILE B 262 3.60 -10.73 6.99
C ILE B 262 2.75 -10.97 8.23
N TYR B 263 1.75 -10.10 8.49
CA TYR B 263 0.92 -10.29 9.66
C TYR B 263 0.10 -11.58 9.61
N LYS B 264 -0.28 -12.04 8.42
CA LYS B 264 -0.96 -13.34 8.30
C LYS B 264 -0.10 -14.46 8.89
N ILE B 265 1.19 -14.47 8.52
CA ILE B 265 2.13 -15.47 9.03
C ILE B 265 2.30 -15.33 10.54
N LEU B 266 2.44 -14.09 11.02
CA LEU B 266 2.59 -13.89 12.47
C LEU B 266 1.35 -14.36 13.21
N GLN B 267 0.17 -14.13 12.62
CA GLN B 267 -1.08 -14.54 13.22
C GLN B 267 -1.21 -16.05 13.34
N ASP B 268 -0.93 -16.74 12.24
CA ASP B 268 -0.99 -18.20 12.27
C ASP B 268 -0.01 -18.74 13.31
N THR B 269 1.19 -18.16 13.37
CA THR B 269 2.20 -18.56 14.35
C THR B 269 1.67 -18.35 15.77
N ILE B 270 1.23 -17.12 16.06
CA ILE B 270 0.80 -16.76 17.41
C ILE B 270 -0.42 -17.56 17.87
N TRP B 271 -1.43 -17.66 17.01
CA TRP B 271 -2.62 -18.45 17.34
C TRP B 271 -2.35 -19.94 17.50
N SER B 272 -1.41 -20.48 16.72
CA SER B 272 -1.03 -21.90 16.89
C SER B 272 -0.40 -22.12 18.27
N LEU B 273 0.36 -21.13 18.76
CA LEU B 273 0.99 -21.21 20.07
C LEU B 273 -0.02 -21.00 21.18
N TRP B 274 -0.90 -20.01 21.00
CA TRP B 274 -2.05 -19.80 21.88
C TRP B 274 -2.82 -21.10 22.08
N THR B 275 -2.99 -21.85 20.99
CA THR B 275 -3.71 -23.12 21.02
C THR B 275 -3.02 -24.16 21.90
N VAL B 276 -1.70 -24.31 21.74
CA VAL B 276 -0.91 -25.18 22.60
C VAL B 276 -1.07 -24.83 24.07
N TYR B 277 -0.97 -23.53 24.39
CA TYR B 277 -1.16 -23.09 25.77
C TYR B 277 -2.56 -23.39 26.31
N LYS B 278 -3.58 -23.07 25.53
CA LYS B 278 -4.96 -23.30 25.92
C LYS B 278 -5.24 -24.79 26.13
N GLU B 279 -4.61 -25.64 25.31
CA GLU B 279 -4.81 -27.07 25.43
C GLU B 279 -4.13 -27.68 26.64
N GLU B 280 -3.07 -27.02 27.12
CA GLU B 280 -2.44 -27.40 28.38
C GLU B 280 -3.30 -26.96 29.56
N GLN B 281 -4.13 -25.94 29.36
CA GLN B 281 -5.03 -25.41 30.39
C GLN B 281 -6.41 -26.08 30.34
N GLY B 282 -6.52 -27.21 29.65
CA GLY B 282 -7.75 -27.98 29.67
C GLY B 282 -8.48 -28.15 28.35
N GLU B 283 -8.39 -27.17 27.46
CA GLU B 283 -9.18 -27.12 26.21
C GLU B 283 -8.78 -28.19 25.20
N ASP B 284 -9.68 -28.44 24.24
CA ASP B 284 -9.42 -29.32 23.12
C ASP B 284 -10.02 -28.71 21.85
N PHE B 285 -9.15 -28.28 20.94
CA PHE B 285 -9.56 -27.60 19.71
C PHE B 285 -9.30 -28.42 18.46
N GLY B 286 -9.22 -29.75 18.63
CA GLY B 286 -8.92 -30.66 17.52
C GLY B 286 -7.64 -30.30 16.79
N ASP B 287 -7.75 -30.11 15.48
CA ASP B 287 -6.61 -29.79 14.63
C ASP B 287 -6.36 -28.29 14.47
N TYR B 288 -7.05 -27.47 15.25
CA TYR B 288 -7.01 -26.01 15.05
C TYR B 288 -5.59 -25.47 15.05
N GLY B 289 -4.82 -25.84 16.07
CA GLY B 289 -3.44 -25.39 16.23
C GLY B 289 -2.52 -25.82 15.10
N VAL B 290 -2.46 -27.12 14.87
CA VAL B 290 -1.61 -27.65 13.81
C VAL B 290 -1.99 -27.06 12.44
N ASN B 291 -3.28 -26.90 12.18
CA ASN B 291 -3.74 -26.36 10.91
C ASN B 291 -3.26 -24.92 10.72
N ARG B 292 -3.34 -24.14 11.79
CA ARG B 292 -2.81 -22.77 11.72
C ARG B 292 -1.30 -22.75 11.53
N TYR B 293 -0.58 -23.57 12.32
CA TYR B 293 0.89 -23.65 12.22
C TYR B 293 1.36 -24.00 10.80
N GLN B 294 0.73 -25.01 10.23
CA GLN B 294 1.10 -25.45 8.89
C GLN B 294 0.82 -24.39 7.83
N ARG B 295 -0.25 -23.61 8.02
CA ARG B 295 -0.52 -22.47 7.14
C ARG B 295 0.54 -21.37 7.31
N ALA B 296 1.02 -21.17 8.53
CA ALA B 296 2.18 -20.28 8.73
C ALA B 296 3.37 -20.76 7.92
N VAL B 297 3.66 -22.06 7.97
CA VAL B 297 4.81 -22.63 7.25
C VAL B 297 4.63 -22.41 5.74
N LYS B 298 3.42 -22.68 5.25
CA LYS B 298 3.09 -22.41 3.85
C LYS B 298 3.26 -20.92 3.51
N GLY B 299 2.76 -20.05 4.38
CA GLY B 299 2.92 -18.60 4.20
C GLY B 299 4.38 -18.19 4.06
N LEU B 300 5.23 -18.77 4.93
CA LEU B 300 6.67 -18.51 4.90
C LEU B 300 7.31 -18.91 3.57
N ALA B 301 6.94 -20.09 3.07
CA ALA B 301 7.43 -20.58 1.78
C ALA B 301 6.99 -19.72 0.60
N SER B 302 5.74 -19.27 0.59
CA SER B 302 5.23 -18.38 -0.47
C SER B 302 5.89 -16.99 -0.42
N TYR B 303 6.09 -16.48 0.80
CA TYR B 303 6.69 -15.16 1.00
C TYR B 303 8.12 -15.09 0.45
#